data_6G9G
# 
_entry.id   6G9G 
# 
_audit_conform.dict_name       mmcif_pdbx.dic 
_audit_conform.dict_version    5.391 
_audit_conform.dict_location   http://mmcif.pdb.org/dictionaries/ascii/mmcif_pdbx.dic 
# 
loop_
_database_2.database_id 
_database_2.database_code 
_database_2.pdbx_database_accession 
_database_2.pdbx_DOI 
PDB   6G9G         pdb_00006g9g 10.2210/pdb6g9g/pdb 
WWPDB D_1200009574 ?            ?                   
# 
loop_
_pdbx_audit_revision_history.ordinal 
_pdbx_audit_revision_history.data_content_type 
_pdbx_audit_revision_history.major_revision 
_pdbx_audit_revision_history.minor_revision 
_pdbx_audit_revision_history.revision_date 
1 'Structure model' 1 0 2019-04-24 
2 'Structure model' 1 1 2019-10-23 
3 'Structure model' 1 2 2024-05-08 
# 
_pdbx_audit_revision_details.ordinal             1 
_pdbx_audit_revision_details.revision_ordinal    1 
_pdbx_audit_revision_details.data_content_type   'Structure model' 
_pdbx_audit_revision_details.provider            repository 
_pdbx_audit_revision_details.type                'Initial release' 
_pdbx_audit_revision_details.description         ? 
_pdbx_audit_revision_details.details             ? 
# 
loop_
_pdbx_audit_revision_group.ordinal 
_pdbx_audit_revision_group.revision_ordinal 
_pdbx_audit_revision_group.data_content_type 
_pdbx_audit_revision_group.group 
1 2 'Structure model' 'Data collection'     
2 2 'Structure model' 'Database references' 
3 3 'Structure model' 'Data collection'     
4 3 'Structure model' 'Database references' 
# 
loop_
_pdbx_audit_revision_category.ordinal 
_pdbx_audit_revision_category.revision_ordinal 
_pdbx_audit_revision_category.data_content_type 
_pdbx_audit_revision_category.category 
1 2 'Structure model' citation        
2 2 'Structure model' citation_author 
3 3 'Structure model' chem_comp_atom  
4 3 'Structure model' chem_comp_bond  
5 3 'Structure model' database_2      
# 
loop_
_pdbx_audit_revision_item.ordinal 
_pdbx_audit_revision_item.revision_ordinal 
_pdbx_audit_revision_item.data_content_type 
_pdbx_audit_revision_item.item 
1  2 'Structure model' '_citation.country'                   
2  2 'Structure model' '_citation.journal_abbrev'            
3  2 'Structure model' '_citation.journal_id_CSD'            
4  2 'Structure model' '_citation.journal_id_ISSN'           
5  2 'Structure model' '_citation.journal_volume'            
6  2 'Structure model' '_citation.page_first'                
7  2 'Structure model' '_citation.page_last'                 
8  2 'Structure model' '_citation.pdbx_database_id_DOI'      
9  2 'Structure model' '_citation.pdbx_database_id_PubMed'   
10 2 'Structure model' '_citation.title'                     
11 2 'Structure model' '_citation.year'                      
12 3 'Structure model' '_database_2.pdbx_DOI'                
13 3 'Structure model' '_database_2.pdbx_database_accession' 
# 
_pdbx_database_status.status_code                     REL 
_pdbx_database_status.status_code_sf                  REL 
_pdbx_database_status.status_code_mr                  ? 
_pdbx_database_status.entry_id                        6G9G 
_pdbx_database_status.recvd_initial_deposition_date   2018-04-10 
_pdbx_database_status.SG_entry                        N 
_pdbx_database_status.deposit_site                    PDBE 
_pdbx_database_status.process_site                    PDBE 
_pdbx_database_status.status_code_cs                  ? 
_pdbx_database_status.methods_development_category    ? 
_pdbx_database_status.pdb_format_compatible           Y 
_pdbx_database_status.status_code_nmr_data            ? 
# 
loop_
_audit_author.name 
_audit_author.pdbx_ordinal 
_audit_author.identifier_ORCID 
'Landau, M.' 1 ? 
'Perov, S.'  2 ? 
# 
_citation.abstract                  ? 
_citation.abstract_id_CAS           ? 
_citation.book_id_ISBN              ? 
_citation.book_publisher            ? 
_citation.book_publisher_city       ? 
_citation.book_title                ? 
_citation.coordinate_linkage        ? 
_citation.country                   US 
_citation.database_id_Medline       ? 
_citation.details                   ? 
_citation.id                        primary 
_citation.journal_abbrev            'Plos Pathog.' 
_citation.journal_id_ASTM           ? 
_citation.journal_id_CSD            ? 
_citation.journal_id_ISSN           1553-7374 
_citation.journal_full              ? 
_citation.journal_issue             ? 
_citation.journal_volume            15 
_citation.language                  ? 
_citation.page_first                e1007978 
_citation.page_last                 e1007978 
_citation.title                     
;Structural Insights into Curli CsgA Cross-beta Fibril Architecture Inspire Repurposing of Anti-amyloid Compounds as Anti-biofilm Agents.
;
_citation.year                      2019 
_citation.database_id_CSD           ? 
_citation.pdbx_database_id_DOI      10.1371/journal.ppat.1007978 
_citation.pdbx_database_id_PubMed   31469892 
_citation.unpublished_flag          ? 
# 
loop_
_citation_author.citation_id 
_citation_author.name 
_citation_author.ordinal 
_citation_author.identifier_ORCID 
primary 'Perov, S.'           1 ?                   
primary 'Lidor, O.'           2 0000-0001-6392-4647 
primary 'Salinas, N.'         3 0000-0002-3511-2243 
primary 'Golan, N.'           4 0000-0001-5064-0776 
primary 'Tayeb-Fligelman, E.' 5 ?                   
primary 'Deshmukh, M.'        6 0000-0002-3704-3229 
primary 'Willbold, D.'        7 0000-0002-0065-7366 
primary 'Landau, M.'          8 0000-0002-1743-3430 
# 
loop_
_entity.id 
_entity.type 
_entity.src_method 
_entity.pdbx_description 
_entity.formula_weight 
_entity.pdbx_number_of_molecules 
_entity.pdbx_ec 
_entity.pdbx_mutation 
_entity.pdbx_fragment 
_entity.details 
1 polymer syn 'Major curlin subunit' 565.533 1 ? ? 'Amyloid spine segment TASNSS from CsgA (residues 129-134) secreted by E. coli' 
? 
2 water   nat water                  18.015  1 ? ? ?                                                                               
? 
# 
_entity_poly.entity_id                      1 
_entity_poly.type                           'polypeptide(L)' 
_entity_poly.nstd_linkage                   no 
_entity_poly.nstd_monomer                   no 
_entity_poly.pdbx_seq_one_letter_code       TASNSS 
_entity_poly.pdbx_seq_one_letter_code_can   TASNSS 
_entity_poly.pdbx_strand_id                 B 
_entity_poly.pdbx_target_identifier         ? 
# 
_pdbx_entity_nonpoly.entity_id   2 
_pdbx_entity_nonpoly.name        water 
_pdbx_entity_nonpoly.comp_id     HOH 
# 
loop_
_entity_poly_seq.entity_id 
_entity_poly_seq.num 
_entity_poly_seq.mon_id 
_entity_poly_seq.hetero 
1 1 THR n 
1 2 ALA n 
1 3 SER n 
1 4 ASN n 
1 5 SER n 
1 6 SER n 
# 
_pdbx_entity_src_syn.entity_id              1 
_pdbx_entity_src_syn.pdbx_src_id            1 
_pdbx_entity_src_syn.pdbx_alt_source_flag   sample 
_pdbx_entity_src_syn.pdbx_beg_seq_num       1 
_pdbx_entity_src_syn.pdbx_end_seq_num       6 
_pdbx_entity_src_syn.organism_scientific    'Escherichia coli' 
_pdbx_entity_src_syn.organism_common_name   ? 
_pdbx_entity_src_syn.ncbi_taxonomy_id       562 
_pdbx_entity_src_syn.details                'TASNSS from CsgA, synthesized' 
# 
loop_
_chem_comp.id 
_chem_comp.type 
_chem_comp.mon_nstd_flag 
_chem_comp.name 
_chem_comp.pdbx_synonyms 
_chem_comp.formula 
_chem_comp.formula_weight 
ALA 'L-peptide linking' y ALANINE    ? 'C3 H7 N O2'  89.093  
ASN 'L-peptide linking' y ASPARAGINE ? 'C4 H8 N2 O3' 132.118 
HOH non-polymer         . WATER      ? 'H2 O'        18.015  
SER 'L-peptide linking' y SERINE     ? 'C3 H7 N O3'  105.093 
THR 'L-peptide linking' y THREONINE  ? 'C4 H9 N O3'  119.119 
# 
loop_
_pdbx_poly_seq_scheme.asym_id 
_pdbx_poly_seq_scheme.entity_id 
_pdbx_poly_seq_scheme.seq_id 
_pdbx_poly_seq_scheme.mon_id 
_pdbx_poly_seq_scheme.ndb_seq_num 
_pdbx_poly_seq_scheme.pdb_seq_num 
_pdbx_poly_seq_scheme.auth_seq_num 
_pdbx_poly_seq_scheme.pdb_mon_id 
_pdbx_poly_seq_scheme.auth_mon_id 
_pdbx_poly_seq_scheme.pdb_strand_id 
_pdbx_poly_seq_scheme.pdb_ins_code 
_pdbx_poly_seq_scheme.hetero 
A 1 1 THR 1 1 1 THR THR B . n 
A 1 2 ALA 2 2 2 ALA ALA B . n 
A 1 3 SER 3 3 3 SER SER B . n 
A 1 4 ASN 4 4 4 ASN ASN B . n 
A 1 5 SER 5 5 5 SER SER B . n 
A 1 6 SER 6 6 6 SER SER B . n 
# 
_pdbx_nonpoly_scheme.asym_id         B 
_pdbx_nonpoly_scheme.entity_id       2 
_pdbx_nonpoly_scheme.mon_id          HOH 
_pdbx_nonpoly_scheme.ndb_seq_num     1 
_pdbx_nonpoly_scheme.pdb_seq_num     101 
_pdbx_nonpoly_scheme.auth_seq_num    1 
_pdbx_nonpoly_scheme.pdb_mon_id      HOH 
_pdbx_nonpoly_scheme.auth_mon_id     HOH 
_pdbx_nonpoly_scheme.pdb_strand_id   B 
_pdbx_nonpoly_scheme.pdb_ins_code    . 
# 
loop_
_software.citation_id 
_software.classification 
_software.compiler_name 
_software.compiler_version 
_software.contact_author 
_software.contact_author_email 
_software.date 
_software.description 
_software.dependencies 
_software.hardware 
_software.language 
_software.location 
_software.mods 
_software.name 
_software.os 
_software.os_version 
_software.type 
_software.version 
_software.pdbx_ordinal 
? 'data reduction'  ? ? 'Wolfgang Kabsch'    Wolfgang.Kabsch@mpimf-heidelberg.mpg.de ?              ? ? ? ?          
http://www.mpimf-heidelberg.mpg.de/~kabsch/xds/                             ? XDS         ? ? package .    1 
? 'data scaling'    ? ? 'Wolfgang Kabsch'    ?                                       ?              ? ? ? ?          
http://www.mpimf-heidelberg.mpg.de/~kabsch/xds/html_doc/xscale_program.html ? XSCALE      ? ? package .    2 
? phasing           ? ? 'Randy J. Read'      cimr-phaser@lists.cam.ac.uk             ?              ? ? ? ?          
http://www-structmed.cimr.cam.ac.uk/phaser/                                 ? PHASER      ? ? program .    3 
? refinement        ? ? 'Garib N. Murshudov' garib@ysbl.york.ac.uk                   ?              ? ? ? Fortran_77 
http://www.ccp4.ac.uk/dist/html/refmac5.html                                ? REFMAC      ? ? program .    4 
? 'data extraction' ? ? PDB                  deposit@deposit.rcsb.org                'Sep. 1, 2017' ? ? ? C++        
http://sw-tools.pdb.org/apps/PDB_EXTRACT/                                   ? PDB_EXTRACT ? ? package 3.24 5 
# 
_cell.angle_alpha                  90.000 
_cell.angle_alpha_esd              ? 
_cell.angle_beta                   90.000 
_cell.angle_beta_esd               ? 
_cell.angle_gamma                  90.000 
_cell.angle_gamma_esd              ? 
_cell.entry_id                     6G9G 
_cell.details                      ? 
_cell.formula_units_Z              ? 
_cell.length_a                     9.320 
_cell.length_a_esd                 ? 
_cell.length_b                     12.550 
_cell.length_b_esd                 ? 
_cell.length_c                     21.290 
_cell.length_c_esd                 ? 
_cell.volume                       ? 
_cell.volume_esd                   ? 
_cell.Z_PDB                        4 
_cell.reciprocal_angle_alpha       ? 
_cell.reciprocal_angle_beta        ? 
_cell.reciprocal_angle_gamma       ? 
_cell.reciprocal_angle_alpha_esd   ? 
_cell.reciprocal_angle_beta_esd    ? 
_cell.reciprocal_angle_gamma_esd   ? 
_cell.reciprocal_length_a          ? 
_cell.reciprocal_length_b          ? 
_cell.reciprocal_length_c          ? 
_cell.reciprocal_length_a_esd      ? 
_cell.reciprocal_length_b_esd      ? 
_cell.reciprocal_length_c_esd      ? 
_cell.pdbx_unique_axis             ? 
# 
_symmetry.entry_id                         6G9G 
_symmetry.cell_setting                     ? 
_symmetry.Int_Tables_number                19 
_symmetry.space_group_name_Hall            ? 
_symmetry.space_group_name_H-M             'P 21 21 21' 
_symmetry.pdbx_full_space_group_name_H-M   ? 
# 
_exptl.absorpt_coefficient_mu     ? 
_exptl.absorpt_correction_T_max   ? 
_exptl.absorpt_correction_T_min   ? 
_exptl.absorpt_correction_type    ? 
_exptl.absorpt_process_details    ? 
_exptl.entry_id                   6G9G 
_exptl.crystals_number            1 
_exptl.details                    ? 
_exptl.method                     'X-RAY DIFFRACTION' 
_exptl.method_details             ? 
# 
_exptl_crystal.colour                      ? 
_exptl_crystal.density_diffrn              ? 
_exptl_crystal.density_Matthews            ? 
_exptl_crystal.density_method              ? 
_exptl_crystal.density_percent_sol         ? 
_exptl_crystal.description                 ? 
_exptl_crystal.F_000                       ? 
_exptl_crystal.id                          1 
_exptl_crystal.preparation                 ? 
_exptl_crystal.size_max                    ? 
_exptl_crystal.size_mid                    ? 
_exptl_crystal.size_min                    ? 
_exptl_crystal.size_rad                    ? 
_exptl_crystal.colour_lustre               ? 
_exptl_crystal.colour_modifier             ? 
_exptl_crystal.colour_primary              ? 
_exptl_crystal.density_meas                ? 
_exptl_crystal.density_meas_esd            ? 
_exptl_crystal.density_meas_gt             ? 
_exptl_crystal.density_meas_lt             ? 
_exptl_crystal.density_meas_temp           ? 
_exptl_crystal.density_meas_temp_esd       ? 
_exptl_crystal.density_meas_temp_gt        ? 
_exptl_crystal.density_meas_temp_lt        ? 
_exptl_crystal.pdbx_crystal_image_url      ? 
_exptl_crystal.pdbx_crystal_image_format   ? 
_exptl_crystal.pdbx_mosaicity              ? 
_exptl_crystal.pdbx_mosaicity_esd          ? 
# 
_exptl_crystal_grow.apparatus       ? 
_exptl_crystal_grow.atmosphere      ? 
_exptl_crystal_grow.crystal_id      1 
_exptl_crystal_grow.details         ? 
_exptl_crystal_grow.method          'VAPOR DIFFUSION, HANGING DROP' 
_exptl_crystal_grow.method_ref      ? 
_exptl_crystal_grow.pH              ? 
_exptl_crystal_grow.pressure        ? 
_exptl_crystal_grow.pressure_esd    ? 
_exptl_crystal_grow.seeding         ? 
_exptl_crystal_grow.seeding_ref     ? 
_exptl_crystal_grow.temp            293 
_exptl_crystal_grow.temp_details    ? 
_exptl_crystal_grow.temp_esd        ? 
_exptl_crystal_grow.time            ? 
_exptl_crystal_grow.pdbx_details    
'Reservoir contained 0.2 M Lithium sulfate, 0.1 M Tris-HCl pH 8.5, 30%(w/v) PEG 4000, and 10 mM of the TAIVVQ peptide' 
_exptl_crystal_grow.pdbx_pH_range   ? 
# 
_diffrn.ambient_environment    ? 
_diffrn.ambient_temp           100 
_diffrn.ambient_temp_details   ? 
_diffrn.ambient_temp_esd       ? 
_diffrn.crystal_id             1 
_diffrn.crystal_support        ? 
_diffrn.crystal_treatment      ? 
_diffrn.details                ? 
_diffrn.id                     1 
_diffrn.ambient_pressure       ? 
_diffrn.ambient_pressure_esd   ? 
_diffrn.ambient_pressure_gt    ? 
_diffrn.ambient_pressure_lt    ? 
_diffrn.ambient_temp_gt        ? 
_diffrn.ambient_temp_lt        ? 
# 
_diffrn_detector.details                      ? 
_diffrn_detector.detector                     PIXEL 
_diffrn_detector.diffrn_id                    1 
_diffrn_detector.type                         'DECTRIS PILATUS 6M-F' 
_diffrn_detector.area_resol_mean              ? 
_diffrn_detector.dtime                        ? 
_diffrn_detector.pdbx_frames_total            ? 
_diffrn_detector.pdbx_collection_time_total   ? 
_diffrn_detector.pdbx_collection_date         2016-05-02 
# 
_diffrn_radiation.collimation                      ? 
_diffrn_radiation.diffrn_id                        1 
_diffrn_radiation.filter_edge                      ? 
_diffrn_radiation.inhomogeneity                    ? 
_diffrn_radiation.monochromator                    ? 
_diffrn_radiation.polarisn_norm                    ? 
_diffrn_radiation.polarisn_ratio                   ? 
_diffrn_radiation.probe                            ? 
_diffrn_radiation.type                             ? 
_diffrn_radiation.xray_symbol                      ? 
_diffrn_radiation.wavelength_id                    1 
_diffrn_radiation.pdbx_monochromatic_or_laue_m_l   M 
_diffrn_radiation.pdbx_wavelength_list             ? 
_diffrn_radiation.pdbx_wavelength                  ? 
_diffrn_radiation.pdbx_diffrn_protocol             'SINGLE WAVELENGTH' 
_diffrn_radiation.pdbx_analyzer                    ? 
_diffrn_radiation.pdbx_scattering_type             x-ray 
# 
_diffrn_radiation_wavelength.id           1 
_diffrn_radiation_wavelength.wavelength   0.9763 
_diffrn_radiation_wavelength.wt           1.0 
# 
_diffrn_source.current                     ? 
_diffrn_source.details                     ? 
_diffrn_source.diffrn_id                   1 
_diffrn_source.power                       ? 
_diffrn_source.size                        ? 
_diffrn_source.source                      SYNCHROTRON 
_diffrn_source.target                      ? 
_diffrn_source.type                        'PETRA III, EMBL c/o DESY BEAMLINE P14 (MX2)' 
_diffrn_source.voltage                     ? 
_diffrn_source.take-off_angle              ? 
_diffrn_source.pdbx_wavelength_list        0.9763 
_diffrn_source.pdbx_wavelength             ? 
_diffrn_source.pdbx_synchrotron_beamline   'P14 (MX2)' 
_diffrn_source.pdbx_synchrotron_site       'PETRA III, EMBL c/o DESY' 
# 
_reflns.B_iso_Wilson_estimate            18.334 
_reflns.entry_id                         6G9G 
_reflns.data_reduction_details           ? 
_reflns.data_reduction_method            ? 
_reflns.d_resolution_high                1.600 
_reflns.d_resolution_low                 10.810 
_reflns.details                          ? 
_reflns.limit_h_max                      ? 
_reflns.limit_h_min                      ? 
_reflns.limit_k_max                      ? 
_reflns.limit_k_min                      ? 
_reflns.limit_l_max                      ? 
_reflns.limit_l_min                      ? 
_reflns.number_all                       ? 
_reflns.number_obs                       389 
_reflns.observed_criterion               ? 
_reflns.observed_criterion_F_max         ? 
_reflns.observed_criterion_F_min         ? 
_reflns.observed_criterion_I_max         ? 
_reflns.observed_criterion_I_min         ? 
_reflns.observed_criterion_sigma_F       ? 
_reflns.observed_criterion_sigma_I       ? 
_reflns.percent_possible_obs             97.700 
_reflns.R_free_details                   ? 
_reflns.Rmerge_F_all                     ? 
_reflns.Rmerge_F_obs                     ? 
_reflns.Friedel_coverage                 ? 
_reflns.number_gt                        ? 
_reflns.threshold_expression             ? 
_reflns.pdbx_redundancy                  8.686 
_reflns.pdbx_Rmerge_I_obs                0.222 
_reflns.pdbx_Rmerge_I_all                ? 
_reflns.pdbx_Rsym_value                  ? 
_reflns.pdbx_netI_over_av_sigmaI         ? 
_reflns.pdbx_netI_over_sigmaI            6.070 
_reflns.pdbx_res_netI_over_av_sigmaI_2   ? 
_reflns.pdbx_res_netI_over_sigmaI_2      ? 
_reflns.pdbx_chi_squared                 0.904 
_reflns.pdbx_scaling_rejects             ? 
_reflns.pdbx_d_res_high_opt              ? 
_reflns.pdbx_d_res_low_opt               ? 
_reflns.pdbx_d_res_opt_method            ? 
_reflns.phase_calculation_details        ? 
_reflns.pdbx_Rrim_I_all                  0.237 
_reflns.pdbx_Rpim_I_all                  ? 
_reflns.pdbx_d_opt                       ? 
_reflns.pdbx_number_measured_all         3379 
_reflns.pdbx_diffrn_id                   1 
_reflns.pdbx_ordinal                     1 
_reflns.pdbx_CC_half                     0.986 
_reflns.pdbx_R_split                     ? 
# 
loop_
_reflns_shell.d_res_high 
_reflns_shell.d_res_low 
_reflns_shell.meanI_over_sigI_all 
_reflns_shell.meanI_over_sigI_obs 
_reflns_shell.number_measured_all 
_reflns_shell.number_measured_obs 
_reflns_shell.number_possible 
_reflns_shell.number_unique_all 
_reflns_shell.number_unique_obs 
_reflns_shell.percent_possible_all 
_reflns_shell.percent_possible_obs 
_reflns_shell.Rmerge_F_all 
_reflns_shell.Rmerge_F_obs 
_reflns_shell.Rmerge_I_all 
_reflns_shell.Rmerge_I_obs 
_reflns_shell.meanI_over_sigI_gt 
_reflns_shell.meanI_over_uI_all 
_reflns_shell.meanI_over_uI_gt 
_reflns_shell.number_measured_gt 
_reflns_shell.number_unique_gt 
_reflns_shell.percent_possible_gt 
_reflns_shell.Rmerge_F_gt 
_reflns_shell.Rmerge_I_gt 
_reflns_shell.pdbx_redundancy 
_reflns_shell.pdbx_Rsym_value 
_reflns_shell.pdbx_chi_squared 
_reflns_shell.pdbx_netI_over_sigmaI_all 
_reflns_shell.pdbx_netI_over_sigmaI_obs 
_reflns_shell.pdbx_Rrim_I_all 
_reflns_shell.pdbx_Rpim_I_all 
_reflns_shell.pdbx_rejects 
_reflns_shell.pdbx_ordinal 
_reflns_shell.pdbx_diffrn_id 
_reflns_shell.pdbx_CC_half 
_reflns_shell.pdbx_R_split 
1.600 1.850  ? 2.770 ? ? ? ? 130 97.700 ? ? ? ? 0.550 ? ? ? ? ? ? ? ? 9.231 ? ? ? ? 0.582 ? ? 1 1 0.890 ? 
1.850 2.270  ? 6.670 ? ? ? ? 112 99.100 ? ? ? ? 0.251 ? ? ? ? ? ? ? ? 8.884 ? ? ? ? 0.267 ? ? 2 1 0.975 ? 
2.270 3.210  ? 8.240 ? ? ? ? 93  96.900 ? ? ? ? 0.223 ? ? ? ? ? ? ? ? 8.409 ? ? ? ? 0.240 ? ? 3 1 0.981 ? 
3.210 10.810 ? 9.000 ? ? ? ? 54  96.400 ? ? ? ? 0.148 ? ? ? ? ? ? ? ? 7.444 ? ? ? ? 0.159 ? ? 4 1 0.993 ? 
# 
_refine.aniso_B[1][1]                            -0.9600 
_refine.aniso_B[1][2]                            0.0000 
_refine.aniso_B[1][3]                            0.0000 
_refine.aniso_B[2][2]                            1.3000 
_refine.aniso_B[2][3]                            0.0000 
_refine.aniso_B[3][3]                            -0.3400 
_refine.B_iso_max                                20.740 
_refine.B_iso_mean                               8.9670 
_refine.B_iso_min                                7.900 
_refine.correlation_coeff_Fo_to_Fc               0.9890 
_refine.correlation_coeff_Fo_to_Fc_free          0.9880 
_refine.details                                  
'HYDROGENS HAVE BEEN ADDED IN THE RIDING POSITIONS U VALUES      : REFINED INDIVIDUALLY' 
_refine.diff_density_max                         ? 
_refine.diff_density_max_esd                     ? 
_refine.diff_density_min                         ? 
_refine.diff_density_min_esd                     ? 
_refine.diff_density_rms                         ? 
_refine.diff_density_rms_esd                     ? 
_refine.entry_id                                 6G9G 
_refine.pdbx_refine_id                           'X-RAY DIFFRACTION' 
_refine.ls_abs_structure_details                 ? 
_refine.ls_abs_structure_Flack                   ? 
_refine.ls_abs_structure_Flack_esd               ? 
_refine.ls_abs_structure_Rogers                  ? 
_refine.ls_abs_structure_Rogers_esd              ? 
_refine.ls_d_res_high                            1.6000 
_refine.ls_d_res_low                             10.8100 
_refine.ls_extinction_coef                       ? 
_refine.ls_extinction_coef_esd                   ? 
_refine.ls_extinction_expression                 ? 
_refine.ls_extinction_method                     ? 
_refine.ls_goodness_of_fit_all                   ? 
_refine.ls_goodness_of_fit_all_esd               ? 
_refine.ls_goodness_of_fit_obs                   ? 
_refine.ls_goodness_of_fit_obs_esd               ? 
_refine.ls_hydrogen_treatment                    ? 
_refine.ls_matrix_type                           ? 
_refine.ls_number_constraints                    ? 
_refine.ls_number_parameters                     ? 
_refine.ls_number_reflns_all                     ? 
_refine.ls_number_reflns_obs                     349 
_refine.ls_number_reflns_R_free                  39 
_refine.ls_number_reflns_R_work                  ? 
_refine.ls_number_restraints                     ? 
_refine.ls_percent_reflns_obs                    97.7300 
_refine.ls_percent_reflns_R_free                 10.1000 
_refine.ls_R_factor_all                          ? 
_refine.ls_R_factor_obs                          0.1079 
_refine.ls_R_factor_R_free                       0.1351 
_refine.ls_R_factor_R_free_error                 ? 
_refine.ls_R_factor_R_free_error_details         ? 
_refine.ls_R_factor_R_work                       0.1043 
_refine.ls_R_Fsqd_factor_obs                     ? 
_refine.ls_R_I_factor_obs                        ? 
_refine.ls_redundancy_reflns_all                 ? 
_refine.ls_redundancy_reflns_obs                 ? 
_refine.ls_restrained_S_all                      ? 
_refine.ls_restrained_S_obs                      ? 
_refine.ls_shift_over_esd_max                    ? 
_refine.ls_shift_over_esd_mean                   ? 
_refine.ls_structure_factor_coef                 ? 
_refine.ls_weighting_details                     ? 
_refine.ls_weighting_scheme                      ? 
_refine.ls_wR_factor_all                         ? 
_refine.ls_wR_factor_obs                         ? 
_refine.ls_wR_factor_R_free                      ? 
_refine.ls_wR_factor_R_work                      ? 
_refine.occupancy_max                            ? 
_refine.occupancy_min                            ? 
_refine.solvent_model_details                    ? 
_refine.solvent_model_param_bsol                 ? 
_refine.solvent_model_param_ksol                 ? 
_refine.ls_R_factor_gt                           ? 
_refine.ls_goodness_of_fit_gt                    ? 
_refine.ls_goodness_of_fit_ref                   ? 
_refine.ls_shift_over_su_max                     ? 
_refine.ls_shift_over_su_max_lt                  ? 
_refine.ls_shift_over_su_mean                    ? 
_refine.ls_shift_over_su_mean_lt                 ? 
_refine.pdbx_ls_sigma_I                          ? 
_refine.pdbx_ls_sigma_F                          0.000 
_refine.pdbx_ls_sigma_Fsqd                       ? 
_refine.pdbx_data_cutoff_high_absF               ? 
_refine.pdbx_data_cutoff_high_rms_absF           ? 
_refine.pdbx_data_cutoff_low_absF                ? 
_refine.pdbx_isotropic_thermal_model             ? 
_refine.pdbx_ls_cross_valid_method               THROUGHOUT 
_refine.pdbx_method_to_determine_struct          'MOLECULAR REPLACEMENT' 
_refine.pdbx_starting_model                      ? 
_refine.pdbx_stereochemistry_target_values       ? 
_refine.pdbx_R_Free_selection_details            RANDOM 
_refine.pdbx_stereochem_target_val_spec_case     ? 
_refine.pdbx_overall_ESU_R                       0.0800 
_refine.pdbx_overall_ESU_R_Free                  0.0770 
_refine.pdbx_solvent_vdw_probe_radii             1.2000 
_refine.pdbx_solvent_ion_probe_radii             0.8000 
_refine.pdbx_solvent_shrinkage_radii             0.8000 
_refine.pdbx_real_space_R                        ? 
_refine.pdbx_density_correlation                 ? 
_refine.pdbx_pd_number_of_powder_patterns        ? 
_refine.pdbx_pd_number_of_points                 ? 
_refine.pdbx_pd_meas_number_of_points            ? 
_refine.pdbx_pd_proc_ls_prof_R_factor            ? 
_refine.pdbx_pd_proc_ls_prof_wR_factor           ? 
_refine.pdbx_pd_Marquardt_correlation_coeff      ? 
_refine.pdbx_pd_Fsqrd_R_factor                   ? 
_refine.pdbx_pd_ls_matrix_band_width             ? 
_refine.pdbx_overall_phase_error                 ? 
_refine.pdbx_overall_SU_R_free_Cruickshank_DPI   ? 
_refine.pdbx_overall_SU_R_free_Blow_DPI          ? 
_refine.pdbx_overall_SU_R_Blow_DPI               ? 
_refine.pdbx_TLS_residual_ADP_flag               ? 
_refine.pdbx_diffrn_id                           1 
_refine.overall_SU_B                             1.8590 
_refine.overall_SU_ML                            0.0590 
_refine.overall_SU_R_Cruickshank_DPI             0.0803 
_refine.overall_SU_R_free                        ? 
_refine.overall_FOM_free_R_set                   ? 
_refine.overall_FOM_work_R_set                   ? 
_refine.pdbx_average_fsc_overall                 ? 
_refine.pdbx_average_fsc_work                    ? 
_refine.pdbx_average_fsc_free                    ? 
# 
_refine_hist.cycle_id                         final 
_refine_hist.pdbx_refine_id                   'X-RAY DIFFRACTION' 
_refine_hist.d_res_high                       1.6000 
_refine_hist.d_res_low                        10.8100 
_refine_hist.pdbx_number_atoms_ligand         0 
_refine_hist.number_atoms_solvent             1 
_refine_hist.number_atoms_total               40 
_refine_hist.pdbx_number_residues_total       6 
_refine_hist.pdbx_B_iso_mean_solvent          20.74 
_refine_hist.pdbx_number_atoms_protein        39 
_refine_hist.pdbx_number_atoms_nucleic_acid   0 
# 
loop_
_refine_ls_restr.pdbx_refine_id 
_refine_ls_restr.criterion 
_refine_ls_restr.dev_ideal 
_refine_ls_restr.dev_ideal_target 
_refine_ls_restr.number 
_refine_ls_restr.rejects 
_refine_ls_restr.type 
_refine_ls_restr.weight 
_refine_ls_restr.pdbx_restraint_function 
'X-RAY DIFFRACTION' ? 0.016  0.020  38 ? r_bond_refined_d       ? ? 
'X-RAY DIFFRACTION' ? 0.053  0.020  29 ? r_bond_other_d         ? ? 
'X-RAY DIFFRACTION' ? 1.338  1.947  51 ? r_angle_refined_deg    ? ? 
'X-RAY DIFFRACTION' ? 0.990  3.000  69 ? r_angle_other_deg      ? ? 
'X-RAY DIFFRACTION' ? 4.272  5.000  5  ? r_dihedral_angle_1_deg ? ? 
'X-RAY DIFFRACTION' ? 25.562 30.000 1  ? r_dihedral_angle_2_deg ? ? 
'X-RAY DIFFRACTION' ? 5.767  15.000 5  ? r_dihedral_angle_3_deg ? ? 
'X-RAY DIFFRACTION' ? 0.087  0.200  7  ? r_chiral_restr         ? ? 
'X-RAY DIFFRACTION' ? 0.005  0.020  43 ? r_gen_planes_refined   ? ? 
'X-RAY DIFFRACTION' ? 0.001  0.020  5  ? r_gen_planes_other     ? ? 
# 
_refine_ls_shell.pdbx_refine_id                   'X-RAY DIFFRACTION' 
_refine_ls_shell.d_res_high                       1.6030 
_refine_ls_shell.d_res_low                        1.7870 
_refine_ls_shell.number_reflns_all                107 
_refine_ls_shell.number_reflns_obs                ? 
_refine_ls_shell.number_reflns_R_free             11 
_refine_ls_shell.number_reflns_R_work             96 
_refine_ls_shell.percent_reflns_obs               100.0000 
_refine_ls_shell.percent_reflns_R_free            ? 
_refine_ls_shell.R_factor_all                     ? 
_refine_ls_shell.R_factor_obs                     ? 
_refine_ls_shell.R_factor_R_free                  0.2350 
_refine_ls_shell.R_factor_R_free_error            0.0000 
_refine_ls_shell.R_factor_R_work                  0.2290 
_refine_ls_shell.redundancy_reflns_all            ? 
_refine_ls_shell.redundancy_reflns_obs            ? 
_refine_ls_shell.wR_factor_all                    ? 
_refine_ls_shell.wR_factor_obs                    ? 
_refine_ls_shell.wR_factor_R_free                 ? 
_refine_ls_shell.wR_factor_R_work                 ? 
_refine_ls_shell.pdbx_total_number_of_bins_used   5 
_refine_ls_shell.pdbx_phase_error                 ? 
_refine_ls_shell.pdbx_fsc_work                    ? 
_refine_ls_shell.pdbx_fsc_free                    ? 
# 
_struct.entry_id                     6G9G 
_struct.title                        
'Crystal Structure of the TASNSS segment from the R4-R5 loop of the E. coli Biofilm-associated CsgA Curli protein' 
_struct.pdbx_model_details           Curli 
_struct.pdbx_formula_weight          ? 
_struct.pdbx_formula_weight_method   ? 
_struct.pdbx_model_type_details      ? 
_struct.pdbx_CASP_flag               N 
# 
_struct_keywords.entry_id        6G9G 
_struct_keywords.text            'Bacterial fibril from E. coli, PROTEIN FIBRIL' 
_struct_keywords.pdbx_keywords   'PROTEIN FIBRIL' 
# 
loop_
_struct_asym.id 
_struct_asym.pdbx_blank_PDB_chainid_flag 
_struct_asym.pdbx_modified 
_struct_asym.entity_id 
_struct_asym.details 
A N N 1 ? 
B N N 2 ? 
# 
_struct_ref.id                         1 
_struct_ref.db_name                    UNP 
_struct_ref.db_code                    CSGA_ECOLI 
_struct_ref.pdbx_db_accession          P28307 
_struct_ref.pdbx_db_isoform            ? 
_struct_ref.entity_id                  1 
_struct_ref.pdbx_seq_one_letter_code   TASNSS 
_struct_ref.pdbx_align_begin           129 
# 
_struct_ref_seq.align_id                      1 
_struct_ref_seq.ref_id                        1 
_struct_ref_seq.pdbx_PDB_id_code              6G9G 
_struct_ref_seq.pdbx_strand_id                B 
_struct_ref_seq.seq_align_beg                 1 
_struct_ref_seq.pdbx_seq_align_beg_ins_code   ? 
_struct_ref_seq.seq_align_end                 6 
_struct_ref_seq.pdbx_seq_align_end_ins_code   ? 
_struct_ref_seq.pdbx_db_accession             P28307 
_struct_ref_seq.db_align_beg                  129 
_struct_ref_seq.pdbx_db_align_beg_ins_code    ? 
_struct_ref_seq.db_align_end                  134 
_struct_ref_seq.pdbx_db_align_end_ins_code    ? 
_struct_ref_seq.pdbx_auth_seq_align_beg       1 
_struct_ref_seq.pdbx_auth_seq_align_end       6 
# 
_pdbx_struct_assembly.id                   1 
_pdbx_struct_assembly.details              author_and_software_defined_assembly 
_pdbx_struct_assembly.method_details       PISA 
_pdbx_struct_assembly.oligomeric_details   monomeric 
_pdbx_struct_assembly.oligomeric_count     1 
# 
loop_
_pdbx_struct_assembly_prop.biol_id 
_pdbx_struct_assembly_prop.type 
_pdbx_struct_assembly_prop.value 
_pdbx_struct_assembly_prop.details 
1 'ABSA (A^2)' 0   ? 
1 MORE         0   ? 
1 'SSA (A^2)'  840 ? 
# 
_pdbx_struct_assembly_gen.assembly_id       1 
_pdbx_struct_assembly_gen.oper_expression   1 
_pdbx_struct_assembly_gen.asym_id_list      A,B 
# 
_pdbx_struct_assembly_auth_evidence.id                     1 
_pdbx_struct_assembly_auth_evidence.assembly_id            1 
_pdbx_struct_assembly_auth_evidence.experimental_support   microscopy 
_pdbx_struct_assembly_auth_evidence.details                'Fibrils are observed by EM' 
# 
_pdbx_struct_oper_list.id                   1 
_pdbx_struct_oper_list.type                 'identity operation' 
_pdbx_struct_oper_list.name                 1_555 
_pdbx_struct_oper_list.symmetry_operation   x,y,z 
_pdbx_struct_oper_list.matrix[1][1]         1.0000000000 
_pdbx_struct_oper_list.matrix[1][2]         0.0000000000 
_pdbx_struct_oper_list.matrix[1][3]         0.0000000000 
_pdbx_struct_oper_list.vector[1]            0.0000000000 
_pdbx_struct_oper_list.matrix[2][1]         0.0000000000 
_pdbx_struct_oper_list.matrix[2][2]         1.0000000000 
_pdbx_struct_oper_list.matrix[2][3]         0.0000000000 
_pdbx_struct_oper_list.vector[2]            0.0000000000 
_pdbx_struct_oper_list.matrix[3][1]         0.0000000000 
_pdbx_struct_oper_list.matrix[3][2]         0.0000000000 
_pdbx_struct_oper_list.matrix[3][3]         1.0000000000 
_pdbx_struct_oper_list.vector[3]            0.0000000000 
# 
_pdbx_phasing_MR.entry_id                     6G9G 
_pdbx_phasing_MR.method_rotation              ? 
_pdbx_phasing_MR.method_translation           ? 
_pdbx_phasing_MR.model_details                'Phaser MODE: MR_AUTO' 
_pdbx_phasing_MR.R_factor                     ? 
_pdbx_phasing_MR.R_rigid_body                 ? 
_pdbx_phasing_MR.correlation_coeff_Fo_to_Fc   ? 
_pdbx_phasing_MR.correlation_coeff_Io_to_Ic   ? 
_pdbx_phasing_MR.d_res_high_rotation          1.600 
_pdbx_phasing_MR.d_res_low_rotation           10.810 
_pdbx_phasing_MR.d_res_high_translation       1.600 
_pdbx_phasing_MR.d_res_low_translation        10.810 
_pdbx_phasing_MR.packing                      ? 
_pdbx_phasing_MR.reflns_percent_rotation      ? 
_pdbx_phasing_MR.reflns_percent_translation   ? 
_pdbx_phasing_MR.sigma_F_rotation             ? 
_pdbx_phasing_MR.sigma_F_translation          ? 
_pdbx_phasing_MR.sigma_I_rotation             ? 
_pdbx_phasing_MR.sigma_I_translation          ? 
# 
_phasing.method   MR 
# 
loop_
_chem_comp_atom.comp_id 
_chem_comp_atom.atom_id 
_chem_comp_atom.type_symbol 
_chem_comp_atom.pdbx_aromatic_flag 
_chem_comp_atom.pdbx_stereo_config 
_chem_comp_atom.pdbx_ordinal 
ALA N    N N N 1  
ALA CA   C N S 2  
ALA C    C N N 3  
ALA O    O N N 4  
ALA CB   C N N 5  
ALA OXT  O N N 6  
ALA H    H N N 7  
ALA H2   H N N 8  
ALA HA   H N N 9  
ALA HB1  H N N 10 
ALA HB2  H N N 11 
ALA HB3  H N N 12 
ALA HXT  H N N 13 
ASN N    N N N 14 
ASN CA   C N S 15 
ASN C    C N N 16 
ASN O    O N N 17 
ASN CB   C N N 18 
ASN CG   C N N 19 
ASN OD1  O N N 20 
ASN ND2  N N N 21 
ASN OXT  O N N 22 
ASN H    H N N 23 
ASN H2   H N N 24 
ASN HA   H N N 25 
ASN HB2  H N N 26 
ASN HB3  H N N 27 
ASN HD21 H N N 28 
ASN HD22 H N N 29 
ASN HXT  H N N 30 
HOH O    O N N 31 
HOH H1   H N N 32 
HOH H2   H N N 33 
SER N    N N N 34 
SER CA   C N S 35 
SER C    C N N 36 
SER O    O N N 37 
SER CB   C N N 38 
SER OG   O N N 39 
SER OXT  O N N 40 
SER H    H N N 41 
SER H2   H N N 42 
SER HA   H N N 43 
SER HB2  H N N 44 
SER HB3  H N N 45 
SER HG   H N N 46 
SER HXT  H N N 47 
THR N    N N N 48 
THR CA   C N S 49 
THR C    C N N 50 
THR O    O N N 51 
THR CB   C N R 52 
THR OG1  O N N 53 
THR CG2  C N N 54 
THR OXT  O N N 55 
THR H    H N N 56 
THR H2   H N N 57 
THR HA   H N N 58 
THR HB   H N N 59 
THR HG1  H N N 60 
THR HG21 H N N 61 
THR HG22 H N N 62 
THR HG23 H N N 63 
THR HXT  H N N 64 
# 
loop_
_chem_comp_bond.comp_id 
_chem_comp_bond.atom_id_1 
_chem_comp_bond.atom_id_2 
_chem_comp_bond.value_order 
_chem_comp_bond.pdbx_aromatic_flag 
_chem_comp_bond.pdbx_stereo_config 
_chem_comp_bond.pdbx_ordinal 
ALA N   CA   sing N N 1  
ALA N   H    sing N N 2  
ALA N   H2   sing N N 3  
ALA CA  C    sing N N 4  
ALA CA  CB   sing N N 5  
ALA CA  HA   sing N N 6  
ALA C   O    doub N N 7  
ALA C   OXT  sing N N 8  
ALA CB  HB1  sing N N 9  
ALA CB  HB2  sing N N 10 
ALA CB  HB3  sing N N 11 
ALA OXT HXT  sing N N 12 
ASN N   CA   sing N N 13 
ASN N   H    sing N N 14 
ASN N   H2   sing N N 15 
ASN CA  C    sing N N 16 
ASN CA  CB   sing N N 17 
ASN CA  HA   sing N N 18 
ASN C   O    doub N N 19 
ASN C   OXT  sing N N 20 
ASN CB  CG   sing N N 21 
ASN CB  HB2  sing N N 22 
ASN CB  HB3  sing N N 23 
ASN CG  OD1  doub N N 24 
ASN CG  ND2  sing N N 25 
ASN ND2 HD21 sing N N 26 
ASN ND2 HD22 sing N N 27 
ASN OXT HXT  sing N N 28 
HOH O   H1   sing N N 29 
HOH O   H2   sing N N 30 
SER N   CA   sing N N 31 
SER N   H    sing N N 32 
SER N   H2   sing N N 33 
SER CA  C    sing N N 34 
SER CA  CB   sing N N 35 
SER CA  HA   sing N N 36 
SER C   O    doub N N 37 
SER C   OXT  sing N N 38 
SER CB  OG   sing N N 39 
SER CB  HB2  sing N N 40 
SER CB  HB3  sing N N 41 
SER OG  HG   sing N N 42 
SER OXT HXT  sing N N 43 
THR N   CA   sing N N 44 
THR N   H    sing N N 45 
THR N   H2   sing N N 46 
THR CA  C    sing N N 47 
THR CA  CB   sing N N 48 
THR CA  HA   sing N N 49 
THR C   O    doub N N 50 
THR C   OXT  sing N N 51 
THR CB  OG1  sing N N 52 
THR CB  CG2  sing N N 53 
THR CB  HB   sing N N 54 
THR OG1 HG1  sing N N 55 
THR CG2 HG21 sing N N 56 
THR CG2 HG22 sing N N 57 
THR CG2 HG23 sing N N 58 
THR OXT HXT  sing N N 59 
# 
_atom_sites.entry_id                    6G9G 
_atom_sites.fract_transf_matrix[1][1]   0.08243923 
_atom_sites.fract_transf_matrix[1][2]   0.05445344 
_atom_sites.fract_transf_matrix[1][3]   0.04184528 
_atom_sites.fract_transf_matrix[2][1]   -0.01089159 
_atom_sites.fract_transf_matrix[2][2]   0.05779876 
_atom_sites.fract_transf_matrix[2][3]   -0.05375629 
_atom_sites.fract_transf_matrix[3][1]   -0.02936950 
_atom_sites.fract_transf_matrix[3][2]   0.02184308 
_atom_sites.fract_transf_matrix[3][3]   0.02943625 
_atom_sites.fract_transf_vector[1]      0.166327 
_atom_sites.fract_transf_vector[2]      0.243625 
_atom_sites.fract_transf_vector[3]      0.018694 
# 
loop_
_atom_type.symbol 
C 
N 
O 
# 
loop_
_atom_site.group_PDB 
_atom_site.id 
_atom_site.type_symbol 
_atom_site.label_atom_id 
_atom_site.label_alt_id 
_atom_site.label_comp_id 
_atom_site.label_asym_id 
_atom_site.label_entity_id 
_atom_site.label_seq_id 
_atom_site.pdbx_PDB_ins_code 
_atom_site.Cartn_x 
_atom_site.Cartn_y 
_atom_site.Cartn_z 
_atom_site.occupancy 
_atom_site.B_iso_or_equiv 
_atom_site.pdbx_formal_charge 
_atom_site.auth_seq_id 
_atom_site.auth_comp_id 
_atom_site.auth_asym_id 
_atom_site.auth_atom_id 
_atom_site.pdbx_PDB_model_num 
ATOM   1  N N   . THR A 1 1 ? 6.930  -5.318 -4.746 1.00 9.20  ? 1   THR B N   1 
ATOM   2  C CA  . THR A 1 1 ? 5.468  -5.199 -4.559 1.00 9.21  ? 1   THR B CA  1 
ATOM   3  C C   . THR A 1 1 ? 5.171  -3.792 -4.068 1.00 8.69  ? 1   THR B C   1 
ATOM   4  O O   . THR A 1 1 ? 6.077  -2.980 -3.947 1.00 9.26  ? 1   THR B O   1 
ATOM   5  C CB  . THR A 1 1 ? 4.986  -6.245 -3.551 1.00 9.19  ? 1   THR B CB  1 
ATOM   6  O OG1 . THR A 1 1 ? 5.654  -6.037 -2.319 1.00 9.24  ? 1   THR B OG1 1 
ATOM   7  C CG2 . THR A 1 1 ? 5.290  -7.640 -4.042 1.00 9.47  ? 1   THR B CG2 1 
ATOM   8  N N   . ALA A 1 2 ? 3.917  -3.494 -3.810 1.00 8.28  ? 2   ALA B N   1 
ATOM   9  C CA  . ALA A 1 2 ? 3.557  -2.183 -3.306 1.00 8.25  ? 2   ALA B CA  1 
ATOM   10 C C   . ALA A 1 2 ? 2.273  -2.275 -2.554 1.00 8.37  ? 2   ALA B C   1 
ATOM   11 O O   . ALA A 1 2 ? 1.434  -3.107 -2.847 1.00 8.04  ? 2   ALA B O   1 
ATOM   12 C CB  . ALA A 1 2 ? 3.415  -1.206 -4.450 1.00 8.48  ? 2   ALA B CB  1 
ATOM   13 N N   . SER A 1 3 ? 2.125  -1.420 -1.560 1.00 8.22  ? 3   SER B N   1 
ATOM   14 C CA  . SER A 1 3 ? 0.915  -1.415 -0.784 1.00 8.44  ? 3   SER B CA  1 
ATOM   15 C C   . SER A 1 3 ? 0.705  -0.068 -0.159 1.00 8.07  ? 3   SER B C   1 
ATOM   16 O O   . SER A 1 3 ? 1.627  0.721  -0.013 1.00 7.90  ? 3   SER B O   1 
ATOM   17 C CB  . SER A 1 3 ? 0.966  -2.520 0.278  1.00 8.87  ? 3   SER B CB  1 
ATOM   18 O OG  . SER A 1 3 ? 1.892  -2.247 1.319  1.00 9.16  ? 3   SER B OG  1 
ATOM   19 N N   . ASN A 1 4 ? -0.541 0.197  0.177  1.00 8.27  ? 4   ASN B N   1 
ATOM   20 C CA  . ASN A 1 4 ? -0.856 1.376  0.909  1.00 8.59  ? 4   ASN B CA  1 
ATOM   21 C C   . ASN A 1 4 ? -2.124 1.192  1.710  1.00 8.90  ? 4   ASN B C   1 
ATOM   22 O O   . ASN A 1 4 ? -2.839 0.196  1.573  1.00 8.74  ? 4   ASN B O   1 
ATOM   23 C CB  . ASN A 1 4 ? -0.930 2.606  -0.020 1.00 9.09  ? 4   ASN B CB  1 
ATOM   24 C CG  . ASN A 1 4 ? -1.978 2.479  -1.119 1.00 9.48  ? 4   ASN B CG  1 
ATOM   25 O OD1 . ASN A 1 4 ? -2.964 1.753  -0.982 1.00 10.42 ? 4   ASN B OD1 1 
ATOM   26 N ND2 . ASN A 1 4 ? -1.766 3.191  -2.223 1.00 9.56  ? 4   ASN B ND2 1 
ATOM   27 N N   . SER A 1 5 ? -2.359 2.164  2.556  1.00 9.20  ? 5   SER B N   1 
ATOM   28 C CA  . SER A 1 5 ? -3.565 2.208  3.308  1.00 9.94  ? 5   SER B CA  1 
ATOM   29 C C   . SER A 1 5 ? -3.827 3.630  3.692  1.00 10.25 ? 5   SER B C   1 
ATOM   30 O O   . SER A 1 5 ? -2.905 4.455  3.764  1.00 9.63  ? 5   SER B O   1 
ATOM   31 C CB  . SER A 1 5 ? -3.447 1.337  4.541  1.00 10.82 ? 5   SER B CB  1 
ATOM   32 O OG  . SER A 1 5 ? -2.311 1.663  5.297  1.00 12.04 ? 5   SER B OG  1 
ATOM   33 N N   . SER A 1 6 ? -5.086 3.904  3.969  1.00 10.73 ? 6   SER B N   1 
ATOM   34 C CA  . SER A 1 6 ? -5.519 5.214  4.432  1.00 11.98 ? 6   SER B CA  1 
ATOM   35 C C   . SER A 1 6 ? -6.761 5.037  5.318  1.00 13.14 ? 6   SER B C   1 
ATOM   36 O O   . SER A 1 6 ? -7.261 3.892  5.425  1.00 14.49 ? 6   SER B O   1 
ATOM   37 C CB  . SER A 1 6 ? -5.854 6.076  3.220  1.00 12.04 ? 6   SER B CB  1 
ATOM   38 O OG  . SER A 1 6 ? -6.836 5.458  2.424  1.00 11.79 ? 6   SER B OG  1 
ATOM   39 O OXT . SER A 1 6 ? -7.299 6.029  5.857  1.00 13.00 ? 6   SER B OXT 1 
HETATM 40 O O   . HOH B 2 . ? -9.837 5.774  6.108  1.00 20.74 ? 101 HOH B O   1 
# 
